data_5LA0
#
_entry.id   5LA0
#
_cell.length_a   67.092
_cell.length_b   72.366
_cell.length_c   109.113
_cell.angle_alpha   90.00
_cell.angle_beta   90.00
_cell.angle_gamma   90.00
#
_symmetry.space_group_name_H-M   'P 21 21 21'
#
loop_
_entity.id
_entity.type
_entity.pdbx_description
1 polymer 'Carbohydrate binding family 6'
2 non-polymer 'SULFATE ION'
3 non-polymer 'CALCIUM ION'
4 non-polymer alpha-L-arabinopyranose
5 water water
#
_entity_poly.entity_id   1
_entity_poly.type   'polypeptide(L)'
_entity_poly.pdbx_seq_one_letter_code
;MASSPQRGRPRLNAARTTFVGDNGQPLRGPYTSTEWTAAAPYDQIARVKELGFNAVHLYAECFDPRYPAPGSKAPGYAVN
EIDKIVERTRELGLYLVITIGNGANNGNHNAQWARDFWKFYAPRYAKETHVLYEIHNEPVAWGPPYSSSTANPPGAVDME
IDVYRIIRTYAPETPVLLFSYAVFGGKGGAAEALKDIRAFNKAVFGNENAVWTNEAVAFHGYAGWQETTIAVEELLKAGY
PCFMTEYAGGAWGSGMGGLDVELTYELERLGVSWLTFQYIPPTGVSDDVTKPEYFSALVENSGLSWTPDYGNWPAARGVY
GNGGLARETATWINNFLTGTTRIEAEDFDWGGNGVSYYDTDSVNVGGQYRPDEGVDIEKTSDTGGGYNVGWISEGEWLEY
TIRVRNPGYYNLSLRVAGISGSRVQVSFGNQDKTGVWELPATGGFQTWTTATRQVFLGAGLQKLRINALSGGFNLNWIEL
SPILEHHHHHH
;
_entity_poly.pdbx_strand_id   A
#
# COMPACT_ATOMS: atom_id res chain seq x y z
N ALA A 2 -25.02 15.44 -6.63
CA ALA A 2 -24.84 15.71 -5.21
C ALA A 2 -25.04 17.20 -4.94
N SER A 3 -25.11 17.60 -3.69
CA SER A 3 -24.97 19.01 -3.34
C SER A 3 -23.88 19.24 -2.31
N SER A 4 -22.96 18.27 -2.16
CA SER A 4 -21.83 18.37 -1.25
CA SER A 4 -21.80 18.43 -1.30
C SER A 4 -20.72 17.46 -1.73
N PRO A 5 -19.54 17.54 -1.10
CA PRO A 5 -18.53 16.55 -1.49
C PRO A 5 -18.77 15.13 -1.00
N GLN A 6 -19.87 14.85 -0.29
CA GLN A 6 -20.12 13.53 0.27
C GLN A 6 -19.98 12.46 -0.81
N ARG A 7 -19.23 11.41 -0.50
CA ARG A 7 -19.01 10.33 -1.47
C ARG A 7 -20.18 9.37 -1.56
N GLY A 8 -20.37 8.84 -2.76
CA GLY A 8 -21.35 7.81 -3.00
C GLY A 8 -20.88 6.46 -2.45
N ARG A 9 -21.82 5.50 -2.36
CA ARG A 9 -21.53 4.18 -1.75
C ARG A 9 -20.34 3.52 -2.45
N PRO A 10 -19.37 3.06 -1.68
CA PRO A 10 -18.35 2.25 -2.26
C PRO A 10 -18.95 0.84 -2.54
N ARG A 11 -18.51 0.21 -3.61
CA ARG A 11 -19.03 -1.08 -4.04
CA ARG A 11 -19.02 -1.11 -3.98
C ARG A 11 -17.90 -1.98 -4.46
N LEU A 12 -18.20 -3.26 -4.52
CA LEU A 12 -17.23 -4.22 -5.03
C LEU A 12 -16.87 -3.81 -6.46
N ASN A 13 -15.60 -3.84 -6.76
CA ASN A 13 -15.14 -3.57 -8.09
C ASN A 13 -15.51 -4.66 -9.11
N ALA A 14 -15.31 -4.35 -10.39
CA ALA A 14 -15.61 -5.30 -11.45
C ALA A 14 -14.89 -6.65 -11.29
N ALA A 15 -13.64 -6.62 -10.85
CA ALA A 15 -12.82 -7.82 -10.68
C ALA A 15 -13.12 -8.59 -9.38
N ARG A 16 -13.97 -8.03 -8.53
CA ARG A 16 -14.36 -8.63 -7.24
C ARG A 16 -13.14 -8.91 -6.35
N THR A 17 -12.20 -7.96 -6.36
CA THR A 17 -11.02 -8.02 -5.47
C THR A 17 -11.19 -7.21 -4.20
N THR A 18 -11.98 -6.12 -4.24
CA THR A 18 -12.10 -5.22 -3.09
C THR A 18 -13.25 -4.25 -3.24
N PHE A 19 -13.49 -3.44 -2.22
CA PHE A 19 -14.37 -2.27 -2.37
C PHE A 19 -13.61 -1.10 -3.00
N VAL A 20 -14.25 -0.46 -3.98
CA VAL A 20 -13.77 0.77 -4.57
C VAL A 20 -14.81 1.88 -4.36
N GLY A 21 -14.38 3.13 -4.45
CA GLY A 21 -15.24 4.26 -4.23
C GLY A 21 -16.07 4.60 -5.45
N ASP A 22 -16.67 5.79 -5.39
CA ASP A 22 -17.60 6.25 -6.41
C ASP A 22 -16.93 6.73 -7.74
N ASN A 23 -15.62 6.56 -7.83
CA ASN A 23 -14.82 6.78 -8.99
C ASN A 23 -14.01 5.55 -9.41
N GLY A 24 -14.32 4.39 -8.79
CA GLY A 24 -13.67 3.14 -9.17
C GLY A 24 -12.30 2.93 -8.54
N GLN A 25 -11.88 3.87 -7.71
CA GLN A 25 -10.53 3.73 -7.11
C GLN A 25 -10.59 3.09 -5.71
N PRO A 26 -9.56 2.31 -5.39
CA PRO A 26 -9.43 1.79 -4.04
C PRO A 26 -9.53 2.86 -2.96
N LEU A 27 -9.92 2.39 -1.77
CA LEU A 27 -9.91 3.17 -0.56
C LEU A 27 -8.52 3.01 0.02
N ARG A 28 -7.96 4.11 0.44
CA ARG A 28 -6.62 4.17 1.02
C ARG A 28 -6.64 5.20 2.15
N GLY A 29 -6.17 4.83 3.34
CA GLY A 29 -6.26 5.75 4.41
C GLY A 29 -5.55 5.34 5.67
N PRO A 30 -5.40 6.30 6.57
CA PRO A 30 -4.82 6.04 7.92
C PRO A 30 -5.97 5.82 8.93
N TYR A 31 -5.68 5.78 10.22
CA TYR A 31 -6.67 5.57 11.28
C TYR A 31 -6.75 6.69 12.31
N THR A 32 -7.86 6.67 13.05
CA THR A 32 -7.98 7.41 14.26
C THR A 32 -8.88 6.64 15.20
N SER A 33 -9.04 7.16 16.41
CA SER A 33 -9.83 6.50 17.44
C SER A 33 -10.66 7.51 18.22
N THR A 34 -11.89 7.12 18.52
CA THR A 34 -12.74 7.84 19.48
C THR A 34 -13.04 6.96 20.71
N GLU A 35 -12.21 5.97 20.93
CA GLU A 35 -12.40 5.01 22.06
C GLU A 35 -12.34 5.65 23.43
N TRP A 36 -11.52 6.66 23.57
CA TRP A 36 -11.39 7.38 24.82
C TRP A 36 -10.95 8.83 24.64
N THR A 37 -10.88 9.33 23.41
CA THR A 37 -10.44 10.69 23.11
C THR A 37 -11.51 11.42 22.34
N ALA A 38 -11.37 12.73 22.24
CA ALA A 38 -12.17 13.53 21.35
C ALA A 38 -11.93 13.08 19.91
N ALA A 39 -12.91 13.32 19.07
CA ALA A 39 -12.72 13.22 17.64
C ALA A 39 -11.52 14.02 17.16
N ALA A 40 -10.72 13.45 16.27
CA ALA A 40 -9.66 14.22 15.63
C ALA A 40 -10.22 15.53 15.01
N PRO A 41 -9.46 16.63 15.13
CA PRO A 41 -9.99 17.90 14.63
C PRO A 41 -10.12 17.91 13.11
N TYR A 42 -11.08 18.71 12.66
CA TYR A 42 -11.36 18.92 11.26
C TYR A 42 -10.10 19.16 10.42
N ASP A 43 -9.24 20.08 10.89
CA ASP A 43 -8.02 20.44 10.13
C ASP A 43 -7.06 19.25 9.92
N GLN A 44 -6.93 18.41 10.93
CA GLN A 44 -6.08 17.21 10.86
C GLN A 44 -6.67 16.11 9.95
N ILE A 45 -7.99 15.90 10.01
CA ILE A 45 -8.67 14.96 9.10
C ILE A 45 -8.47 15.44 7.67
N ALA A 46 -8.58 16.75 7.46
CA ALA A 46 -8.44 17.34 6.13
C ALA A 46 -7.07 17.04 5.51
N ARG A 47 -6.04 16.99 6.33
CA ARG A 47 -4.68 16.74 5.87
C ARG A 47 -4.50 15.40 5.17
N VAL A 48 -5.34 14.43 5.51
CA VAL A 48 -5.16 13.11 4.91
C VAL A 48 -5.33 13.21 3.38
N LYS A 49 -6.16 14.17 2.92
CA LYS A 49 -6.38 14.39 1.48
C LYS A 49 -5.12 14.80 0.72
N GLU A 50 -4.25 15.52 1.42
CA GLU A 50 -2.97 16.00 0.88
C GLU A 50 -1.91 14.90 0.88
N LEU A 51 -2.18 13.81 1.61
CA LEU A 51 -1.29 12.66 1.65
C LEU A 51 -1.77 11.55 0.76
N GLY A 52 -2.65 11.86 -0.17
CA GLY A 52 -3.09 10.91 -1.16
C GLY A 52 -4.16 9.93 -0.74
N PHE A 53 -4.75 10.14 0.43
CA PHE A 53 -5.74 9.29 0.98
C PHE A 53 -7.16 9.74 0.62
N ASN A 54 -8.09 8.79 0.68
CA ASN A 54 -9.51 9.08 0.52
C ASN A 54 -10.40 8.39 1.56
N ALA A 55 -9.81 7.88 2.64
CA ALA A 55 -10.57 7.11 3.63
C ALA A 55 -9.93 7.23 4.99
N VAL A 56 -10.73 6.97 6.02
CA VAL A 56 -10.31 6.96 7.38
C VAL A 56 -10.82 5.67 8.05
N HIS A 57 -9.96 5.01 8.81
CA HIS A 57 -10.32 3.87 9.64
C HIS A 57 -10.61 4.39 11.02
N LEU A 58 -11.78 4.12 11.57
CA LEU A 58 -12.14 4.55 12.91
C LEU A 58 -12.33 3.40 13.86
N TYR A 59 -11.48 3.32 14.90
CA TYR A 59 -11.72 2.49 16.06
C TYR A 59 -12.65 3.34 16.95
N ALA A 60 -13.94 3.04 16.89
CA ALA A 60 -14.97 3.94 17.42
C ALA A 60 -15.12 3.87 18.94
N GLU A 61 -15.25 2.64 19.46
CA GLU A 61 -15.37 2.36 20.90
C GLU A 61 -14.61 1.09 21.17
N CYS A 62 -14.06 0.97 22.38
CA CYS A 62 -13.37 -0.19 22.86
CA CYS A 62 -13.44 -0.29 22.74
C CYS A 62 -14.37 -1.07 23.62
N PHE A 63 -14.48 -2.36 23.31
CA PHE A 63 -15.46 -3.20 24.00
C PHE A 63 -15.10 -3.38 25.47
N ASP A 64 -16.12 -3.60 26.28
CA ASP A 64 -15.93 -3.93 27.70
C ASP A 64 -15.99 -5.42 27.91
N PRO A 65 -14.88 -6.06 28.36
CA PRO A 65 -14.91 -7.53 28.51
C PRO A 65 -15.87 -8.06 29.58
N ARG A 66 -16.30 -7.19 30.51
CA ARG A 66 -17.17 -7.59 31.62
C ARG A 66 -18.66 -7.33 31.40
N TYR A 67 -19.02 -6.71 30.27
CA TYR A 67 -20.42 -6.38 29.95
C TYR A 67 -21.26 -7.65 29.82
N PRO A 68 -22.49 -7.72 30.38
CA PRO A 68 -23.23 -6.61 30.99
C PRO A 68 -23.20 -6.56 32.53
N ALA A 69 -22.10 -6.93 33.16
CA ALA A 69 -22.02 -6.91 34.61
C ALA A 69 -22.16 -5.50 35.19
N PRO A 70 -22.57 -5.41 36.46
CA PRO A 70 -22.64 -4.07 37.05
C PRO A 70 -21.32 -3.31 36.94
N GLY A 71 -21.42 -2.03 36.58
CA GLY A 71 -20.25 -1.15 36.46
C GLY A 71 -19.56 -1.21 35.09
N SER A 72 -20.04 -2.10 34.20
CA SER A 72 -19.44 -2.26 32.87
C SER A 72 -19.94 -1.12 32.00
N LYS A 73 -19.17 -0.80 30.97
CA LYS A 73 -19.48 0.33 30.11
C LYS A 73 -20.19 -0.16 28.87
N ALA A 74 -21.42 0.27 28.69
CA ALA A 74 -22.22 -0.11 27.53
C ALA A 74 -21.74 0.56 26.24
N PRO A 75 -22.02 -0.07 25.10
CA PRO A 75 -21.73 0.64 23.87
C PRO A 75 -22.58 1.86 23.73
N GLY A 76 -22.11 2.79 22.91
CA GLY A 76 -22.73 4.05 22.64
C GLY A 76 -22.18 5.26 23.38
N TYR A 77 -21.23 5.02 24.29
CA TYR A 77 -20.68 6.08 25.12
C TYR A 77 -19.97 7.19 24.31
N ALA A 78 -19.42 6.85 23.13
CA ALA A 78 -18.65 7.80 22.31
C ALA A 78 -19.46 8.41 21.17
N VAL A 79 -20.78 8.25 21.20
CA VAL A 79 -21.64 8.70 20.11
C VAL A 79 -21.39 10.13 19.61
N ASN A 80 -21.20 11.06 20.53
CA ASN A 80 -21.01 12.45 20.11
C ASN A 80 -19.70 12.63 19.37
N GLU A 81 -18.69 11.84 19.75
CA GLU A 81 -17.39 11.89 19.03
C GLU A 81 -17.42 11.19 17.67
N ILE A 82 -18.11 10.06 17.61
CA ILE A 82 -18.27 9.33 16.37
C ILE A 82 -19.10 10.14 15.38
N ASP A 83 -20.16 10.79 15.87
CA ASP A 83 -20.95 11.69 15.01
C ASP A 83 -20.04 12.77 14.35
N LYS A 84 -19.10 13.31 15.13
CA LYS A 84 -18.17 14.30 14.61
C LYS A 84 -17.28 13.72 13.47
N ILE A 85 -16.78 12.52 13.66
CA ILE A 85 -15.95 11.89 12.62
C ILE A 85 -16.80 11.62 11.36
N VAL A 86 -18.04 11.19 11.54
CA VAL A 86 -18.96 10.96 10.41
C VAL A 86 -19.20 12.25 9.64
N GLU A 87 -19.50 13.34 10.34
CA GLU A 87 -19.77 14.63 9.66
C GLU A 87 -18.52 15.18 8.96
N ARG A 88 -17.39 15.08 9.62
CA ARG A 88 -16.16 15.62 9.10
C ARG A 88 -15.73 14.91 7.82
N THR A 89 -15.74 13.57 7.86
CA THR A 89 -15.45 12.79 6.66
C THR A 89 -16.49 13.03 5.57
N ARG A 90 -17.76 13.19 5.97
CA ARG A 90 -18.84 13.48 5.01
C ARG A 90 -18.47 14.72 4.18
N GLU A 91 -18.17 15.81 4.90
CA GLU A 91 -17.94 17.12 4.27
C GLU A 91 -16.63 17.18 3.48
N LEU A 92 -15.62 16.43 3.96
CA LEU A 92 -14.31 16.35 3.32
C LEU A 92 -14.23 15.43 2.09
N GLY A 93 -15.29 14.70 1.76
CA GLY A 93 -15.27 13.78 0.63
C GLY A 93 -14.41 12.54 0.90
N LEU A 94 -14.39 12.11 2.17
CA LEU A 94 -13.68 10.89 2.58
C LEU A 94 -14.63 9.74 2.91
N TYR A 95 -14.16 8.52 2.70
CA TYR A 95 -14.80 7.29 3.17
C TYR A 95 -14.44 7.06 4.61
N LEU A 96 -15.31 6.37 5.34
CA LEU A 96 -15.09 6.10 6.77
C LEU A 96 -15.44 4.62 7.07
N VAL A 97 -14.50 3.87 7.63
CA VAL A 97 -14.67 2.46 8.02
C VAL A 97 -14.72 2.44 9.53
N ILE A 98 -15.90 2.14 10.08
CA ILE A 98 -16.14 2.12 11.50
C ILE A 98 -16.01 0.70 12.06
N THR A 99 -15.22 0.53 13.14
CA THR A 99 -15.13 -0.75 13.82
C THR A 99 -15.11 -0.62 15.35
N ILE A 100 -15.14 -1.78 16.01
CA ILE A 100 -15.04 -1.92 17.46
C ILE A 100 -13.59 -2.27 17.70
N GLY A 101 -12.94 -1.54 18.60
CA GLY A 101 -11.56 -1.81 19.04
C GLY A 101 -11.54 -2.65 20.31
N ASN A 102 -10.33 -3.01 20.75
CA ASN A 102 -10.18 -4.04 21.76
C ASN A 102 -9.38 -3.62 22.96
N GLY A 103 -8.59 -2.54 22.86
CA GLY A 103 -7.76 -2.16 24.02
C GLY A 103 -6.76 -3.23 24.45
N ALA A 104 -6.84 -3.65 25.71
CA ALA A 104 -5.99 -4.70 26.26
C ALA A 104 -6.41 -6.11 25.83
N ASN A 105 -7.46 -6.23 25.00
CA ASN A 105 -8.02 -7.50 24.66
C ASN A 105 -8.07 -7.77 23.16
N ASN A 106 -6.99 -7.43 22.46
CA ASN A 106 -6.84 -7.88 21.08
C ASN A 106 -6.87 -9.39 21.05
N GLY A 107 -7.43 -9.94 19.97
CA GLY A 107 -7.62 -11.39 19.85
C GLY A 107 -8.70 -11.94 20.77
N ASN A 108 -9.73 -11.13 20.98
CA ASN A 108 -10.85 -11.47 21.87
C ASN A 108 -12.02 -10.57 21.54
N HIS A 109 -13.20 -10.89 22.06
CA HIS A 109 -14.39 -10.12 21.87
C HIS A 109 -15.41 -10.48 22.95
N ASN A 110 -16.40 -9.61 23.11
CA ASN A 110 -17.59 -9.85 23.92
C ASN A 110 -18.76 -9.80 22.95
N ALA A 111 -19.39 -10.94 22.73
CA ALA A 111 -20.43 -11.05 21.69
C ALA A 111 -21.61 -10.15 21.97
N GLN A 112 -22.09 -10.16 23.22
CA GLN A 112 -23.23 -9.33 23.58
C GLN A 112 -22.93 -7.81 23.40
N TRP A 113 -21.74 -7.41 23.81
CA TRP A 113 -21.32 -6.02 23.64
C TRP A 113 -21.37 -5.61 22.14
N ALA A 114 -20.84 -6.48 21.28
CA ALA A 114 -20.76 -6.22 19.85
C ALA A 114 -22.14 -6.14 19.24
N ARG A 115 -23.03 -7.05 19.63
CA ARG A 115 -24.42 -7.01 19.11
C ARG A 115 -25.10 -5.71 19.51
N ASP A 116 -24.92 -5.32 20.76
CA ASP A 116 -25.54 -4.06 21.25
C ASP A 116 -24.94 -2.82 20.61
N PHE A 117 -23.63 -2.87 20.31
CA PHE A 117 -22.96 -1.76 19.61
C PHE A 117 -23.65 -1.57 18.24
N TRP A 118 -23.81 -2.66 17.48
CA TRP A 118 -24.35 -2.54 16.15
C TRP A 118 -25.82 -2.31 16.11
N LYS A 119 -26.57 -2.75 17.12
CA LYS A 119 -27.99 -2.39 17.22
C LYS A 119 -28.16 -0.88 17.27
N PHE A 120 -27.28 -0.21 17.98
CA PHE A 120 -27.28 1.24 18.09
C PHE A 120 -26.74 1.93 16.85
N TYR A 121 -25.55 1.53 16.43
CA TYR A 121 -24.85 2.28 15.39
C TYR A 121 -25.23 1.93 13.96
N ALA A 122 -25.63 0.68 13.71
CA ALA A 122 -26.00 0.34 12.34
C ALA A 122 -27.15 1.19 11.77
N PRO A 123 -28.26 1.35 12.51
CA PRO A 123 -29.26 2.28 11.97
C PRO A 123 -28.79 3.75 11.97
N ARG A 124 -27.96 4.14 12.93
CA ARG A 124 -27.58 5.55 13.07
C ARG A 124 -26.89 6.07 11.82
N TYR A 125 -26.01 5.27 11.21
CA TYR A 125 -25.26 5.71 10.03
C TYR A 125 -25.62 5.03 8.73
N ALA A 126 -26.75 4.31 8.72
CA ALA A 126 -27.23 3.54 7.58
C ALA A 126 -27.34 4.35 6.33
N LYS A 127 -27.75 5.61 6.48
CA LYS A 127 -27.97 6.52 5.36
C LYS A 127 -26.75 7.35 4.92
N GLU A 128 -25.64 7.22 5.64
CA GLU A 128 -24.40 7.91 5.32
C GLU A 128 -23.63 7.10 4.30
N THR A 129 -23.72 7.53 3.03
CA THR A 129 -23.25 6.73 1.89
C THR A 129 -21.76 6.53 1.91
N HIS A 130 -21.04 7.38 2.62
CA HIS A 130 -19.57 7.30 2.71
C HIS A 130 -19.06 6.33 3.78
N VAL A 131 -19.96 5.70 4.52
CA VAL A 131 -19.59 4.92 5.73
C VAL A 131 -19.74 3.43 5.46
N LEU A 132 -18.74 2.66 5.91
CA LEU A 132 -18.66 1.21 5.82
C LEU A 132 -18.57 0.69 7.24
N TYR A 133 -19.07 -0.52 7.47
CA TYR A 133 -19.06 -1.17 8.76
C TYR A 133 -18.13 -2.35 8.80
N GLU A 134 -17.21 -2.38 9.79
CA GLU A 134 -16.31 -3.47 10.01
C GLU A 134 -16.69 -4.10 11.33
N ILE A 135 -17.25 -5.31 11.28
CA ILE A 135 -17.92 -5.93 12.46
C ILE A 135 -17.13 -5.81 13.77
N HIS A 136 -15.85 -6.21 13.77
CA HIS A 136 -15.09 -6.24 15.02
C HIS A 136 -13.63 -6.40 14.76
N ASN A 137 -12.79 -5.54 15.34
CA ASN A 137 -11.36 -5.69 15.19
C ASN A 137 -10.88 -7.01 15.84
N GLU A 138 -9.93 -7.72 15.20
CA GLU A 138 -9.15 -8.85 15.78
C GLU A 138 -9.87 -9.61 16.91
N PRO A 139 -11.01 -10.27 16.60
CA PRO A 139 -11.85 -10.85 17.66
C PRO A 139 -11.35 -12.19 18.21
N VAL A 140 -10.31 -12.75 17.59
CA VAL A 140 -9.73 -14.07 17.93
C VAL A 140 -8.23 -14.00 17.84
N ALA A 141 -7.56 -14.65 18.81
CA ALA A 141 -6.11 -14.79 18.82
C ALA A 141 -5.68 -16.01 17.98
N TRP A 142 -5.15 -15.85 16.76
CA TRP A 142 -4.83 -14.57 16.07
C TRP A 142 -5.23 -14.57 14.59
N GLY A 143 -6.08 -15.48 14.19
CA GLY A 143 -6.44 -15.56 12.79
C GLY A 143 -7.34 -16.77 12.55
N PRO A 144 -7.56 -17.14 11.30
CA PRO A 144 -8.46 -18.25 10.97
C PRO A 144 -7.88 -19.60 11.32
N PRO A 145 -8.72 -20.62 11.53
CA PRO A 145 -10.17 -20.64 11.41
C PRO A 145 -10.87 -20.29 12.71
N TYR A 146 -11.65 -19.23 12.68
CA TYR A 146 -12.48 -18.87 13.83
C TYR A 146 -13.48 -19.96 14.16
N SER A 147 -13.90 -20.66 13.12
CA SER A 147 -14.91 -21.74 13.23
C SER A 147 -14.42 -23.03 13.93
N SER A 148 -13.15 -23.15 14.18
CA SER A 148 -12.65 -24.29 14.93
C SER A 148 -13.14 -24.27 16.39
N SER A 149 -13.46 -25.47 16.91
CA SER A 149 -13.91 -25.62 18.29
CA SER A 149 -13.89 -25.63 18.29
C SER A 149 -12.81 -25.20 19.28
N THR A 150 -11.55 -25.23 18.87
CA THR A 150 -10.46 -24.80 19.74
C THR A 150 -9.89 -23.37 19.44
N ALA A 151 -10.61 -22.56 18.66
CA ALA A 151 -10.29 -21.15 18.50
C ALA A 151 -10.24 -20.46 19.85
N ASN A 152 -9.43 -19.42 19.95
CA ASN A 152 -9.18 -18.72 21.20
C ASN A 152 -9.60 -17.25 21.06
N PRO A 153 -10.84 -16.89 21.41
CA PRO A 153 -11.88 -17.78 21.94
C PRO A 153 -12.78 -18.40 20.87
N PRO A 154 -13.57 -19.42 21.23
CA PRO A 154 -14.54 -20.00 20.29
C PRO A 154 -15.73 -19.10 20.03
N GLY A 155 -16.41 -19.38 18.93
CA GLY A 155 -17.71 -18.77 18.63
C GLY A 155 -17.72 -17.46 17.86
N ALA A 156 -16.55 -17.00 17.40
CA ALA A 156 -16.52 -15.71 16.73
C ALA A 156 -17.37 -15.71 15.43
N VAL A 157 -17.46 -16.84 14.74
CA VAL A 157 -18.29 -16.91 13.53
C VAL A 157 -19.74 -16.68 13.95
N ASP A 158 -20.15 -17.15 15.12
CA ASP A 158 -21.56 -16.90 15.53
C ASP A 158 -21.79 -15.42 15.76
N MET A 159 -20.77 -14.72 16.31
CA MET A 159 -20.86 -13.28 16.47
CA MET A 159 -20.87 -13.26 16.46
C MET A 159 -20.95 -12.57 15.11
N GLU A 160 -20.14 -13.02 14.14
CA GLU A 160 -20.13 -12.44 12.78
C GLU A 160 -21.51 -12.56 12.15
N ILE A 161 -22.08 -13.75 12.27
CA ILE A 161 -23.42 -14.04 11.73
C ILE A 161 -24.46 -13.14 12.41
N ASP A 162 -24.47 -13.11 13.75
CA ASP A 162 -25.51 -12.35 14.48
C ASP A 162 -25.41 -10.86 14.17
N VAL A 163 -24.16 -10.35 14.17
CA VAL A 163 -23.92 -8.93 13.90
C VAL A 163 -24.30 -8.62 12.46
N TYR A 164 -23.97 -9.50 11.53
CA TYR A 164 -24.32 -9.28 10.13
C TYR A 164 -25.83 -9.11 9.96
N ARG A 165 -26.58 -9.98 10.64
CA ARG A 165 -28.03 -9.93 10.59
C ARG A 165 -28.56 -8.61 11.15
N ILE A 166 -27.98 -8.16 12.25
CA ILE A 166 -28.34 -6.89 12.87
C ILE A 166 -28.07 -5.76 11.89
N ILE A 167 -26.85 -5.73 11.35
CA ILE A 167 -26.47 -4.67 10.42
C ILE A 167 -27.41 -4.63 9.22
N ARG A 168 -27.63 -5.77 8.59
CA ARG A 168 -28.44 -5.81 7.36
C ARG A 168 -29.92 -5.51 7.57
N THR A 169 -30.43 -5.76 8.78
CA THR A 169 -31.78 -5.39 9.13
C THR A 169 -31.93 -3.87 9.13
N TYR A 170 -30.96 -3.16 9.70
CA TYR A 170 -31.07 -1.70 9.87
C TYR A 170 -30.37 -0.86 8.85
N ALA A 171 -29.39 -1.46 8.17
CA ALA A 171 -28.49 -0.77 7.20
C ALA A 171 -28.32 -1.71 5.97
N PRO A 172 -29.39 -1.83 5.19
CA PRO A 172 -29.39 -2.78 4.11
C PRO A 172 -28.39 -2.58 2.98
N GLU A 173 -27.88 -1.36 2.80
CA GLU A 173 -27.00 -1.08 1.65
CA GLU A 173 -27.01 -0.92 1.70
C GLU A 173 -25.56 -0.74 2.11
N THR A 174 -25.27 -0.84 3.41
CA THR A 174 -23.95 -0.49 3.92
C THR A 174 -22.93 -1.63 3.70
N PRO A 175 -21.75 -1.33 3.09
CA PRO A 175 -20.70 -2.32 2.99
C PRO A 175 -20.32 -2.90 4.36
N VAL A 176 -20.14 -4.22 4.43
CA VAL A 176 -19.75 -4.92 5.64
C VAL A 176 -18.44 -5.62 5.40
N LEU A 177 -17.52 -5.42 6.32
CA LEU A 177 -16.22 -6.07 6.30
C LEU A 177 -16.16 -7.09 7.45
N LEU A 178 -15.87 -8.32 7.07
CA LEU A 178 -15.94 -9.50 7.96
C LEU A 178 -14.61 -9.92 8.53
N PHE A 179 -14.64 -10.53 9.72
CA PHE A 179 -13.52 -11.28 10.33
C PHE A 179 -12.38 -10.49 10.93
N SER A 180 -11.83 -9.55 10.17
CA SER A 180 -10.73 -8.73 10.64
C SER A 180 -9.56 -9.53 11.24
N TYR A 181 -9.09 -10.49 10.45
CA TYR A 181 -8.05 -11.43 10.87
C TYR A 181 -6.76 -10.71 11.18
N ALA A 182 -6.24 -10.89 12.39
CA ALA A 182 -4.96 -10.28 12.75
C ALA A 182 -3.81 -10.79 11.91
N VAL A 183 -3.74 -12.12 11.75
CA VAL A 183 -2.65 -12.80 11.08
C VAL A 183 -3.29 -13.64 9.96
N PHE A 184 -3.06 -13.23 8.72
CA PHE A 184 -3.66 -13.82 7.57
C PHE A 184 -2.54 -14.13 6.59
N GLY A 185 -2.03 -15.37 6.63
CA GLY A 185 -0.83 -15.75 5.91
C GLY A 185 -0.80 -17.12 5.27
N GLY A 186 -0.22 -17.18 4.07
CA GLY A 186 0.04 -18.45 3.40
C GLY A 186 -1.16 -19.00 2.69
N LYS A 187 -0.92 -20.02 1.88
CA LYS A 187 -2.02 -20.82 1.30
C LYS A 187 -2.91 -21.37 2.42
N GLY A 188 -2.31 -21.76 3.54
CA GLY A 188 -3.03 -22.32 4.66
C GLY A 188 -3.99 -21.31 5.29
N GLY A 189 -3.54 -20.06 5.43
CA GLY A 189 -4.37 -19.01 5.99
C GLY A 189 -5.60 -18.81 5.15
N ALA A 190 -5.41 -18.77 3.84
CA ALA A 190 -6.57 -18.66 2.92
C ALA A 190 -7.51 -19.83 3.04
N ALA A 191 -6.97 -21.04 3.10
CA ALA A 191 -7.81 -22.25 3.26
C ALA A 191 -8.63 -22.22 4.58
N GLU A 192 -8.00 -21.79 5.68
CA GLU A 192 -8.69 -21.70 6.96
C GLU A 192 -9.77 -20.63 6.91
N ALA A 193 -9.48 -19.49 6.26
CA ALA A 193 -10.46 -18.42 6.10
C ALA A 193 -11.67 -18.90 5.30
N LEU A 194 -11.40 -19.75 4.32
CA LEU A 194 -12.46 -20.32 3.51
C LEU A 194 -13.40 -21.22 4.33
N LYS A 195 -12.89 -21.89 5.38
CA LYS A 195 -13.76 -22.67 6.27
C LYS A 195 -14.72 -21.69 6.96
N ASP A 196 -14.18 -20.57 7.45
CA ASP A 196 -14.99 -19.55 8.13
C ASP A 196 -16.04 -18.94 7.21
N ILE A 197 -15.63 -18.63 6.01
CA ILE A 197 -16.51 -18.07 4.99
C ILE A 197 -17.66 -19.01 4.65
N ARG A 198 -17.32 -20.29 4.44
CA ARG A 198 -18.33 -21.29 4.14
C ARG A 198 -19.37 -21.40 5.27
N ALA A 199 -18.90 -21.43 6.49
CA ALA A 199 -19.79 -21.49 7.64
C ALA A 199 -20.68 -20.26 7.77
N PHE A 200 -20.11 -19.08 7.65
CA PHE A 200 -20.85 -17.84 7.65
C PHE A 200 -21.87 -17.85 6.51
N ASN A 201 -21.42 -18.21 5.31
CA ASN A 201 -22.32 -18.22 4.14
C ASN A 201 -23.49 -19.16 4.26
N LYS A 202 -23.24 -20.34 4.83
CA LYS A 202 -24.32 -21.30 4.98
C LYS A 202 -25.38 -20.70 5.90
N ALA A 203 -24.93 -20.13 7.01
CA ALA A 203 -25.84 -19.57 8.03
C ALA A 203 -26.64 -18.35 7.54
N VAL A 204 -25.97 -17.48 6.80
CA VAL A 204 -26.55 -16.19 6.40
C VAL A 204 -27.26 -16.27 5.05
N PHE A 205 -26.66 -16.96 4.09
CA PHE A 205 -27.16 -16.97 2.70
C PHE A 205 -27.74 -18.31 2.25
N GLY A 206 -27.61 -19.37 3.06
CA GLY A 206 -28.17 -20.68 2.74
C GLY A 206 -27.35 -21.55 1.81
N ASN A 207 -26.14 -21.12 1.50
CA ASN A 207 -25.25 -21.77 0.51
C ASN A 207 -23.80 -21.46 0.93
N GLU A 208 -23.01 -22.49 1.13
CA GLU A 208 -21.58 -22.30 1.49
C GLU A 208 -20.80 -21.42 0.49
N ASN A 209 -21.19 -21.52 -0.79
CA ASN A 209 -20.53 -20.83 -1.93
C ASN A 209 -21.19 -19.54 -2.45
N ALA A 210 -21.79 -18.81 -1.57
CA ALA A 210 -22.47 -17.58 -1.93
C ALA A 210 -21.52 -16.56 -2.57
N VAL A 211 -22.04 -15.87 -3.58
CA VAL A 211 -21.34 -14.78 -4.25
C VAL A 211 -21.73 -13.45 -3.56
N TRP A 212 -20.81 -12.89 -2.78
CA TRP A 212 -21.08 -11.68 -2.05
C TRP A 212 -21.34 -10.49 -3.01
N THR A 213 -22.37 -9.71 -2.70
CA THR A 213 -22.67 -8.50 -3.44
C THR A 213 -22.13 -7.23 -2.76
N ASN A 214 -21.88 -7.27 -1.43
CA ASN A 214 -21.61 -6.03 -0.69
C ASN A 214 -20.89 -6.32 0.64
N GLU A 215 -19.97 -7.28 0.57
CA GLU A 215 -19.21 -7.75 1.72
C GLU A 215 -17.80 -8.05 1.25
N ALA A 216 -16.83 -8.00 2.18
CA ALA A 216 -15.46 -8.40 1.90
C ALA A 216 -14.82 -8.88 3.19
N VAL A 217 -13.75 -9.62 3.05
CA VAL A 217 -12.94 -10.07 4.21
C VAL A 217 -11.97 -8.96 4.60
N ALA A 218 -12.13 -8.45 5.83
CA ALA A 218 -11.16 -7.57 6.44
C ALA A 218 -10.03 -8.42 6.98
N PHE A 219 -8.80 -7.97 6.78
CA PHE A 219 -7.62 -8.69 7.25
C PHE A 219 -6.57 -7.68 7.59
N HIS A 220 -5.65 -8.11 8.45
CA HIS A 220 -4.51 -7.31 8.90
C HIS A 220 -3.21 -7.86 8.36
N GLY A 221 -2.08 -7.18 8.57
CA GLY A 221 -0.81 -7.54 7.93
C GLY A 221 0.17 -8.25 8.83
N TYR A 222 -0.26 -8.72 10.00
CA TYR A 222 0.69 -9.24 10.99
C TYR A 222 1.32 -10.65 10.72
N ALA A 223 0.90 -11.34 9.66
CA ALA A 223 1.65 -12.48 9.12
C ALA A 223 2.94 -12.02 8.40
N GLY A 224 3.10 -10.72 8.13
CA GLY A 224 4.23 -10.22 7.33
C GLY A 224 3.84 -10.08 5.89
N TRP A 225 4.55 -9.22 5.16
CA TRP A 225 4.11 -8.90 3.79
C TRP A 225 4.08 -10.12 2.83
N GLN A 226 5.10 -10.97 2.90
CA GLN A 226 5.18 -12.09 1.96
C GLN A 226 4.06 -13.08 2.14
N GLU A 227 3.86 -13.53 3.36
CA GLU A 227 2.80 -14.52 3.66
CA GLU A 227 2.82 -14.51 3.66
C GLU A 227 1.42 -13.92 3.50
N THR A 228 1.26 -12.63 3.85
CA THR A 228 -0.04 -11.98 3.66
C THR A 228 -0.38 -11.93 2.20
N THR A 229 0.60 -11.60 1.37
CA THR A 229 0.35 -11.49 -0.07
C THR A 229 -0.16 -12.84 -0.63
N ILE A 230 0.49 -13.92 -0.20
CA ILE A 230 0.10 -15.26 -0.62
CA ILE A 230 0.10 -15.28 -0.59
C ILE A 230 -1.35 -15.57 -0.20
N ALA A 231 -1.67 -15.29 1.05
CA ALA A 231 -3.04 -15.54 1.52
C ALA A 231 -4.08 -14.73 0.72
N VAL A 232 -3.79 -13.45 0.44
CA VAL A 232 -4.69 -12.63 -0.33
C VAL A 232 -4.85 -13.17 -1.77
N GLU A 233 -3.73 -13.47 -2.43
CA GLU A 233 -3.81 -14.06 -3.76
C GLU A 233 -4.70 -15.31 -3.81
N GLU A 234 -4.51 -16.20 -2.86
CA GLU A 234 -5.31 -17.44 -2.81
C GLU A 234 -6.80 -17.20 -2.55
N LEU A 235 -7.10 -16.26 -1.66
CA LEU A 235 -8.50 -15.93 -1.36
C LEU A 235 -9.19 -15.31 -2.59
N LEU A 236 -8.50 -14.38 -3.22
CA LEU A 236 -8.98 -13.78 -4.47
C LEU A 236 -9.26 -14.83 -5.53
N LYS A 237 -8.39 -15.84 -5.66
CA LYS A 237 -8.61 -16.97 -6.59
C LYS A 237 -9.83 -17.76 -6.24
N ALA A 238 -10.09 -17.90 -4.93
CA ALA A 238 -11.30 -18.54 -4.44
C ALA A 238 -12.59 -17.76 -4.71
N GLY A 239 -12.52 -16.47 -5.07
CA GLY A 239 -13.67 -15.68 -5.42
C GLY A 239 -14.23 -14.81 -4.32
N TYR A 240 -13.44 -14.57 -3.27
CA TYR A 240 -13.86 -13.70 -2.18
C TYR A 240 -13.02 -12.40 -2.12
N PRO A 241 -13.70 -11.23 -2.18
CA PRO A 241 -12.97 -9.97 -2.08
C PRO A 241 -12.47 -9.70 -0.67
N CYS A 242 -11.49 -8.83 -0.59
CA CYS A 242 -10.91 -8.51 0.71
CA CYS A 242 -10.71 -8.57 0.62
C CYS A 242 -10.47 -7.06 0.79
N PHE A 243 -10.06 -6.65 1.99
CA PHE A 243 -9.86 -5.27 2.31
C PHE A 243 -8.90 -5.22 3.48
N MET A 244 -7.74 -4.63 3.25
CA MET A 244 -6.72 -4.50 4.29
C MET A 244 -7.19 -3.42 5.29
N THR A 245 -7.29 -3.72 6.60
CA THR A 245 -7.76 -2.72 7.54
C THR A 245 -6.76 -2.29 8.62
N GLU A 246 -5.64 -3.00 8.75
CA GLU A 246 -4.59 -2.58 9.71
C GLU A 246 -3.28 -3.31 9.42
N TYR A 247 -2.23 -2.54 9.19
CA TYR A 247 -0.90 -3.10 8.99
C TYR A 247 0.14 -2.01 9.19
N ALA A 248 1.37 -2.42 9.51
CA ALA A 248 2.50 -1.54 9.65
C ALA A 248 3.77 -2.27 9.37
N GLY A 249 4.80 -1.52 9.02
CA GLY A 249 6.14 -2.09 8.84
C GLY A 249 6.80 -2.72 10.06
N GLY A 250 6.39 -2.34 11.26
CA GLY A 250 6.93 -2.94 12.49
C GLY A 250 6.68 -4.45 12.63
N GLY A 257 5.51 0.31 13.16
CA GLY A 257 6.58 1.31 12.80
C GLY A 257 6.72 1.87 11.36
N GLY A 258 5.72 2.59 10.90
CA GLY A 258 5.71 3.24 9.58
C GLY A 258 5.04 2.38 8.50
N LEU A 259 4.77 2.95 7.35
CA LEU A 259 4.10 2.22 6.28
C LEU A 259 4.87 0.99 5.89
N ASP A 260 4.16 -0.13 5.72
CA ASP A 260 4.76 -1.36 5.17
C ASP A 260 4.72 -1.17 3.65
N VAL A 261 5.85 -0.72 3.12
CA VAL A 261 6.00 -0.38 1.72
C VAL A 261 5.78 -1.62 0.85
N GLU A 262 6.35 -2.73 1.26
CA GLU A 262 6.28 -3.94 0.47
C GLU A 262 4.87 -4.50 0.39
N LEU A 263 4.14 -4.50 1.52
CA LEU A 263 2.77 -4.98 1.50
C LEU A 263 1.90 -4.00 0.69
N THR A 264 2.17 -2.70 0.83
CA THR A 264 1.41 -1.70 0.09
C THR A 264 1.57 -1.94 -1.41
N TYR A 265 2.81 -2.19 -1.83
CA TYR A 265 3.09 -2.45 -3.25
C TYR A 265 2.26 -3.64 -3.77
N GLU A 266 2.26 -4.71 -3.00
CA GLU A 266 1.52 -5.94 -3.38
C GLU A 266 0.03 -5.70 -3.40
N LEU A 267 -0.50 -4.94 -2.42
CA LEU A 267 -1.94 -4.65 -2.43
C LEU A 267 -2.35 -3.79 -3.61
N GLU A 268 -1.48 -2.84 -3.99
CA GLU A 268 -1.70 -2.04 -5.17
C GLU A 268 -1.76 -2.92 -6.43
N ARG A 269 -0.80 -3.83 -6.53
CA ARG A 269 -0.72 -4.79 -7.63
C ARG A 269 -1.98 -5.65 -7.73
N LEU A 270 -2.45 -6.12 -6.59
CA LEU A 270 -3.59 -7.05 -6.52
C LEU A 270 -4.96 -6.35 -6.59
N GLY A 271 -5.01 -5.02 -6.39
CA GLY A 271 -6.28 -4.30 -6.43
C GLY A 271 -7.08 -4.46 -5.14
N VAL A 272 -6.40 -4.21 -4.04
CA VAL A 272 -6.96 -4.32 -2.74
C VAL A 272 -6.82 -2.99 -1.95
N SER A 273 -7.93 -2.48 -1.43
CA SER A 273 -7.99 -1.31 -0.59
C SER A 273 -7.24 -1.56 0.73
N TRP A 274 -6.76 -0.49 1.31
CA TRP A 274 -5.95 -0.60 2.51
C TRP A 274 -6.08 0.59 3.46
N LEU A 275 -6.07 0.26 4.75
CA LEU A 275 -6.00 1.21 5.82
C LEU A 275 -4.77 0.88 6.62
N THR A 276 -3.86 1.85 6.64
CA THR A 276 -2.57 1.69 7.33
C THR A 276 -2.63 2.09 8.79
N PHE A 277 -1.77 1.51 9.62
CA PHE A 277 -1.81 1.73 11.07
C PHE A 277 -0.88 2.87 11.51
N GLN A 278 -1.08 4.03 10.88
CA GLN A 278 -0.51 5.28 11.31
C GLN A 278 -1.66 6.21 11.55
N TYR A 279 -1.54 7.05 12.58
CA TYR A 279 -2.69 7.80 13.09
C TYR A 279 -2.79 9.23 12.60
N ILE A 280 -4.01 9.76 12.62
CA ILE A 280 -4.28 11.17 12.37
C ILE A 280 -3.99 11.95 13.65
N PRO A 281 -3.12 13.00 13.58
CA PRO A 281 -2.87 13.80 14.78
C PRO A 281 -4.15 14.29 15.45
N PRO A 282 -4.16 14.45 16.75
CA PRO A 282 -2.96 14.60 17.57
C PRO A 282 -2.50 13.35 18.24
N THR A 283 -3.29 12.29 18.24
CA THR A 283 -2.90 11.17 19.05
C THR A 283 -3.35 9.82 18.57
N GLY A 284 -2.55 8.80 18.91
CA GLY A 284 -2.86 7.40 18.62
C GLY A 284 -1.81 6.48 19.23
N VAL A 285 -2.01 5.19 19.07
CA VAL A 285 -1.26 4.15 19.82
C VAL A 285 -0.01 3.66 19.04
N SER A 286 0.16 4.16 17.82
CA SER A 286 1.30 3.79 16.99
C SER A 286 2.08 5.05 16.56
N ASP A 287 2.29 5.24 15.24
CA ASP A 287 3.03 6.38 14.73
CA ASP A 287 3.06 6.36 14.67
C ASP A 287 2.18 7.33 13.91
N ASP A 288 2.55 8.61 13.95
CA ASP A 288 1.82 9.71 13.33
C ASP A 288 1.98 9.66 11.79
N VAL A 289 0.86 9.51 11.06
CA VAL A 289 0.91 9.43 9.58
C VAL A 289 1.44 10.71 8.88
N THR A 290 1.43 11.83 9.58
CA THR A 290 1.83 13.13 8.99
C THR A 290 3.32 13.42 9.14
N LYS A 291 4.02 12.61 9.93
CA LYS A 291 5.46 12.69 10.04
C LYS A 291 6.05 11.96 8.85
N PRO A 292 6.94 12.65 8.09
CA PRO A 292 7.41 12.06 6.81
C PRO A 292 8.05 10.67 6.95
N GLU A 293 8.81 10.49 8.04
CA GLU A 293 9.50 9.27 8.30
C GLU A 293 8.63 8.01 8.47
N TYR A 294 7.34 8.17 8.76
CA TYR A 294 6.46 7.04 8.93
C TYR A 294 5.53 6.81 7.74
N PHE A 295 5.55 7.70 6.75
CA PHE A 295 4.66 7.57 5.60
C PHE A 295 5.20 8.27 4.36
N SER A 296 5.13 9.59 4.29
CA SER A 296 5.34 10.25 3.00
C SER A 296 6.75 10.03 2.44
N ALA A 297 7.75 10.00 3.31
CA ALA A 297 9.11 9.78 2.85
C ALA A 297 9.31 8.37 2.37
N LEU A 298 8.61 7.43 3.03
CA LEU A 298 8.71 6.01 2.66
C LEU A 298 8.11 5.85 1.27
N VAL A 299 6.99 6.52 1.04
CA VAL A 299 6.37 6.48 -0.30
C VAL A 299 7.31 7.13 -1.34
N GLU A 300 7.79 8.33 -1.03
CA GLU A 300 8.61 9.12 -1.97
C GLU A 300 9.90 8.35 -2.34
N ASN A 301 10.58 7.77 -1.33
CA ASN A 301 11.86 7.08 -1.53
C ASN A 301 11.72 5.74 -2.28
N SER A 302 10.59 5.07 -2.11
CA SER A 302 10.36 3.76 -2.67
C SER A 302 9.95 3.81 -4.12
N GLY A 303 9.34 4.92 -4.53
CA GLY A 303 8.66 5.03 -5.80
C GLY A 303 7.25 4.52 -5.90
N LEU A 304 6.66 4.16 -4.77
CA LEU A 304 5.28 3.73 -4.73
C LEU A 304 4.40 4.86 -5.26
N SER A 305 3.39 4.53 -6.05
CA SER A 305 2.48 5.53 -6.57
C SER A 305 1.10 4.93 -6.75
N TRP A 306 0.08 5.78 -6.58
CA TRP A 306 -1.29 5.49 -6.94
C TRP A 306 -1.93 6.79 -7.34
N THR A 307 -3.09 6.71 -7.98
CA THR A 307 -3.85 7.91 -8.32
C THR A 307 -4.67 8.39 -7.11
N PRO A 308 -4.28 9.54 -6.52
CA PRO A 308 -5.05 9.99 -5.34
C PRO A 308 -6.37 10.66 -5.77
N ASP A 309 -7.39 10.64 -4.90
CA ASP A 309 -8.63 11.31 -5.20
C ASP A 309 -8.46 12.81 -5.18
N TYR A 310 -7.54 13.31 -4.33
CA TYR A 310 -7.35 14.75 -4.14
C TYR A 310 -5.86 15.12 -4.25
N GLY A 311 -5.56 16.28 -4.86
CA GLY A 311 -4.21 16.75 -4.93
C GLY A 311 -3.42 16.06 -6.01
N ASN A 312 -2.11 16.19 -5.93
CA ASN A 312 -1.23 15.62 -6.94
C ASN A 312 -0.09 14.83 -6.28
N TRP A 313 -0.35 14.35 -5.06
CA TRP A 313 0.65 13.55 -4.36
C TRP A 313 -0.02 12.24 -3.91
N PRO A 314 0.59 11.09 -4.16
CA PRO A 314 1.89 10.89 -4.84
C PRO A 314 1.77 11.30 -6.29
N ALA A 315 2.90 11.69 -6.88
CA ALA A 315 2.95 12.09 -8.28
C ALA A 315 2.65 10.88 -9.12
N ALA A 316 1.96 11.09 -10.23
CA ALA A 316 1.74 10.02 -11.21
C ALA A 316 3.10 9.59 -11.80
N ARG A 317 3.43 8.34 -11.63
CA ARG A 317 4.71 7.79 -12.06
C ARG A 317 4.65 6.28 -12.11
N GLY A 318 5.62 5.67 -12.77
CA GLY A 318 5.74 4.22 -12.71
C GLY A 318 6.90 3.71 -13.52
N VAL A 319 7.10 2.40 -13.43
CA VAL A 319 8.16 1.69 -14.11
C VAL A 319 7.91 1.71 -15.62
N TYR A 320 8.93 1.94 -16.42
CA TYR A 320 8.80 1.83 -17.87
C TYR A 320 9.22 0.42 -18.28
N GLY A 321 8.33 -0.30 -18.95
CA GLY A 321 8.59 -1.69 -19.33
C GLY A 321 8.42 -2.60 -18.13
N ASN A 322 9.04 -3.78 -18.23
CA ASN A 322 8.94 -4.82 -17.21
C ASN A 322 7.51 -5.10 -16.73
N GLY A 323 6.52 -4.97 -17.63
CA GLY A 323 5.11 -5.06 -17.29
C GLY A 323 4.60 -4.12 -16.19
N GLY A 324 5.26 -2.99 -16.01
CA GLY A 324 4.93 -2.08 -14.93
C GLY A 324 5.37 -2.54 -13.54
N LEU A 325 6.06 -3.68 -13.44
CA LEU A 325 6.53 -4.15 -12.15
C LEU A 325 7.90 -3.57 -11.79
N ALA A 326 8.11 -3.25 -10.51
CA ALA A 326 9.45 -2.84 -10.10
C ALA A 326 10.45 -3.87 -10.56
N ARG A 327 11.61 -3.40 -11.01
CA ARG A 327 12.68 -4.27 -11.49
C ARG A 327 13.40 -4.96 -10.30
N GLU A 328 13.15 -6.27 -10.16
CA GLU A 328 13.71 -7.03 -9.04
CA GLU A 328 13.71 -7.07 -9.05
C GLU A 328 15.17 -7.37 -9.29
N THR A 329 15.98 -7.26 -8.24
CA THR A 329 17.38 -7.59 -8.38
C THR A 329 17.58 -9.09 -8.51
N ALA A 330 18.59 -9.45 -9.26
CA ALA A 330 18.98 -10.83 -9.48
C ALA A 330 19.69 -11.38 -8.26
N THR A 331 19.71 -12.71 -8.13
CA THR A 331 20.53 -13.40 -7.14
C THR A 331 21.42 -14.43 -7.83
N TRP A 332 22.35 -14.97 -7.05
CA TRP A 332 23.18 -16.09 -7.45
C TRP A 332 22.68 -17.43 -6.97
N ILE A 333 22.67 -18.41 -7.87
CA ILE A 333 22.65 -19.83 -7.48
C ILE A 333 23.94 -20.45 -8.00
N ASN A 334 24.73 -21.01 -7.07
CA ASN A 334 26.07 -21.44 -7.38
C ASN A 334 26.72 -20.30 -8.19
N ASN A 335 27.17 -20.55 -9.43
CA ASN A 335 27.95 -19.54 -10.14
CA ASN A 335 27.97 -19.60 -10.21
C ASN A 335 27.12 -18.82 -11.22
N PHE A 336 25.79 -18.94 -11.20
CA PHE A 336 24.95 -18.22 -12.18
C PHE A 336 23.89 -17.26 -11.59
N LEU A 337 23.49 -16.31 -12.43
CA LEU A 337 22.56 -15.29 -12.08
C LEU A 337 21.18 -15.73 -12.46
N THR A 338 20.23 -15.46 -11.58
CA THR A 338 18.86 -15.99 -11.74
C THR A 338 17.96 -15.16 -12.63
N GLY A 339 18.40 -13.96 -12.98
CA GLY A 339 17.60 -13.08 -13.81
C GLY A 339 18.45 -11.94 -14.28
N THR A 340 17.83 -11.10 -15.08
CA THR A 340 18.56 -9.98 -15.63
CA THR A 340 18.37 -9.89 -15.63
C THR A 340 19.04 -8.99 -14.58
N THR A 341 20.27 -8.55 -14.80
CA THR A 341 20.87 -7.54 -13.95
C THR A 341 20.87 -6.15 -14.58
N ARG A 342 20.54 -6.09 -15.87
CA ARG A 342 20.70 -4.89 -16.68
C ARG A 342 19.40 -4.09 -16.76
N ILE A 343 19.51 -2.82 -16.41
CA ILE A 343 18.46 -1.83 -16.57
C ILE A 343 18.90 -0.82 -17.65
N GLU A 344 18.15 -0.75 -18.75
CA GLU A 344 18.51 0.11 -19.85
C GLU A 344 18.31 1.56 -19.37
N ALA A 345 19.26 2.41 -19.69
CA ALA A 345 19.23 3.82 -19.23
C ALA A 345 17.98 4.55 -19.74
N GLU A 346 17.60 4.20 -20.97
CA GLU A 346 16.42 4.71 -21.66
C GLU A 346 15.05 4.23 -21.07
N ASP A 347 15.09 3.30 -20.11
CA ASP A 347 13.92 2.78 -19.42
C ASP A 347 13.71 3.38 -18.02
N PHE A 348 14.08 4.65 -17.87
CA PHE A 348 13.81 5.45 -16.68
C PHE A 348 12.29 5.47 -16.43
N ASP A 349 11.89 5.64 -15.17
CA ASP A 349 10.47 5.71 -14.82
C ASP A 349 9.76 6.82 -15.63
N TRP A 350 8.52 6.55 -16.04
CA TRP A 350 7.66 7.60 -16.56
C TRP A 350 7.12 8.43 -15.39
N GLY A 351 6.64 9.63 -15.67
CA GLY A 351 6.20 10.57 -14.67
C GLY A 351 6.43 12.01 -15.08
N GLY A 352 7.60 12.28 -15.64
CA GLY A 352 7.89 13.52 -16.30
C GLY A 352 8.97 14.35 -15.63
N ASN A 353 9.14 15.53 -16.20
CA ASN A 353 10.24 16.39 -15.89
C ASN A 353 10.02 16.99 -14.51
N GLY A 354 10.97 16.76 -13.64
CA GLY A 354 10.83 17.13 -12.25
C GLY A 354 10.21 16.05 -11.39
N VAL A 355 9.76 14.94 -11.99
CA VAL A 355 9.12 13.84 -11.26
C VAL A 355 9.98 12.58 -11.32
N SER A 356 10.13 11.99 -12.50
CA SER A 356 10.93 10.76 -12.69
C SER A 356 12.28 10.99 -13.38
N TYR A 357 12.47 12.19 -13.93
CA TYR A 357 13.76 12.63 -14.45
C TYR A 357 13.77 14.15 -14.36
N TYR A 358 14.93 14.74 -14.52
CA TYR A 358 15.05 16.16 -14.72
C TYR A 358 15.94 16.37 -15.93
N ASP A 359 15.39 17.10 -16.91
CA ASP A 359 16.10 17.42 -18.12
C ASP A 359 16.00 18.90 -18.39
N THR A 360 17.12 19.49 -18.80
CA THR A 360 17.22 20.93 -19.02
C THR A 360 16.32 21.43 -20.16
N ASP A 361 15.99 20.57 -21.13
CA ASP A 361 15.07 20.92 -22.24
CA ASP A 361 15.09 20.92 -22.22
C ASP A 361 13.95 19.90 -22.26
N SER A 362 12.72 20.38 -22.45
CA SER A 362 11.57 19.51 -22.54
C SER A 362 11.54 18.57 -23.76
N VAL A 363 12.28 18.90 -24.80
CA VAL A 363 12.39 18.09 -26.02
C VAL A 363 13.44 17.00 -25.86
N ASN A 364 13.13 15.84 -26.43
CA ASN A 364 14.08 14.74 -26.62
C ASN A 364 14.78 15.02 -27.96
N VAL A 365 15.97 15.61 -27.88
CA VAL A 365 16.62 16.08 -29.11
C VAL A 365 17.18 14.99 -29.95
N GLY A 366 17.42 13.82 -29.36
CA GLY A 366 17.83 12.63 -30.10
C GLY A 366 16.69 12.00 -30.90
N GLY A 367 15.46 12.20 -30.43
CA GLY A 367 14.25 11.81 -31.14
C GLY A 367 13.92 10.34 -31.09
N GLN A 368 14.69 9.50 -30.37
CA GLN A 368 14.52 8.04 -30.41
C GLN A 368 13.79 7.52 -29.20
N TYR A 369 13.12 6.38 -29.41
CA TYR A 369 12.60 5.49 -28.35
C TYR A 369 11.41 6.05 -27.56
N ARG A 370 11.61 7.20 -26.93
CA ARG A 370 10.55 7.87 -26.17
C ARG A 370 10.54 9.32 -26.64
N PRO A 371 9.97 9.56 -27.84
CA PRO A 371 10.06 10.89 -28.44
C PRO A 371 9.26 11.98 -27.72
N ASP A 372 8.32 11.60 -26.87
CA ASP A 372 7.44 12.56 -26.23
C ASP A 372 7.80 12.88 -24.78
N GLU A 373 8.94 12.39 -24.33
CA GLU A 373 9.48 12.74 -23.03
C GLU A 373 10.73 13.58 -23.21
N GLY A 374 11.22 14.15 -22.11
CA GLY A 374 12.28 15.17 -22.13
C GLY A 374 13.71 14.66 -22.13
N VAL A 375 13.89 13.39 -21.84
CA VAL A 375 15.21 12.76 -21.84
C VAL A 375 15.70 12.60 -23.29
N ASP A 376 16.97 12.88 -23.52
CA ASP A 376 17.54 12.86 -24.87
C ASP A 376 18.13 11.48 -25.14
N ILE A 377 17.59 10.80 -26.16
CA ILE A 377 17.89 9.41 -26.44
C ILE A 377 18.23 9.25 -27.93
N GLU A 378 19.32 8.56 -28.18
CA GLU A 378 19.78 8.25 -29.53
C GLU A 378 20.08 6.74 -29.65
N LYS A 379 20.20 6.24 -30.87
CA LYS A 379 20.69 4.89 -31.11
C LYS A 379 22.15 4.75 -30.69
N THR A 380 22.49 3.60 -30.11
CA THR A 380 23.88 3.32 -29.72
C THR A 380 24.49 2.27 -30.65
N SER A 381 25.79 2.40 -30.89
CA SER A 381 26.55 1.37 -31.58
C SER A 381 27.28 0.43 -30.63
N ASP A 382 27.07 0.57 -29.31
CA ASP A 382 27.67 -0.34 -28.34
C ASP A 382 27.14 -1.77 -28.54
N THR A 383 27.88 -2.72 -28.01
CA THR A 383 27.50 -4.12 -27.98
C THR A 383 26.07 -4.25 -27.50
N GLY A 384 25.24 -4.95 -28.27
CA GLY A 384 23.83 -5.16 -27.93
C GLY A 384 22.90 -4.17 -28.59
N GLY A 385 23.41 -3.08 -29.17
CA GLY A 385 22.55 -2.12 -29.83
C GLY A 385 21.55 -1.44 -28.88
N GLY A 386 20.39 -1.11 -29.44
CA GLY A 386 19.40 -0.33 -28.74
C GLY A 386 19.80 1.12 -28.67
N TYR A 387 19.71 1.71 -27.48
CA TYR A 387 19.74 3.17 -27.34
C TYR A 387 20.65 3.59 -26.20
N ASN A 388 21.04 4.86 -26.21
CA ASN A 388 21.69 5.42 -25.04
C ASN A 388 21.09 6.78 -24.74
N VAL A 389 21.15 7.15 -23.50
CA VAL A 389 20.84 8.50 -23.09
C VAL A 389 22.06 9.35 -23.40
N GLY A 390 21.82 10.50 -24.03
CA GLY A 390 22.88 11.46 -24.34
C GLY A 390 22.46 12.86 -23.99
N TRP A 391 23.24 13.84 -24.42
CA TRP A 391 22.97 15.25 -24.11
C TRP A 391 22.74 15.43 -22.61
N ILE A 392 23.64 14.84 -21.84
CA ILE A 392 23.54 14.88 -20.41
C ILE A 392 24.26 16.14 -19.91
N SER A 393 23.59 16.90 -19.05
CA SER A 393 24.22 18.08 -18.49
C SER A 393 24.15 18.13 -16.98
N GLU A 394 24.97 19.00 -16.40
CA GLU A 394 25.06 19.10 -14.94
C GLU A 394 23.68 19.34 -14.33
N GLY A 395 23.34 18.57 -13.30
CA GLY A 395 22.07 18.71 -12.59
C GLY A 395 20.93 17.86 -13.14
N GLU A 396 21.10 17.25 -14.33
CA GLU A 396 20.15 16.28 -14.83
C GLU A 396 20.14 15.05 -13.93
N TRP A 397 19.00 14.37 -13.90
CA TRP A 397 18.89 13.11 -13.18
C TRP A 397 17.82 12.20 -13.77
N LEU A 398 17.93 10.93 -13.43
CA LEU A 398 17.13 9.85 -13.97
C LEU A 398 16.83 8.87 -12.87
N GLU A 399 15.57 8.46 -12.76
CA GLU A 399 15.14 7.54 -11.72
C GLU A 399 14.62 6.22 -12.32
N TYR A 400 14.88 5.14 -11.60
CA TYR A 400 14.48 3.77 -11.97
C TYR A 400 13.96 3.10 -10.70
N THR A 401 12.69 2.68 -10.70
CA THR A 401 12.15 1.94 -9.57
C THR A 401 12.56 0.49 -9.59
N ILE A 402 13.28 0.06 -8.54
CA ILE A 402 13.79 -1.27 -8.41
C ILE A 402 13.32 -1.89 -7.10
N ARG A 403 13.58 -3.18 -6.96
CA ARG A 403 13.23 -3.89 -5.76
C ARG A 403 14.35 -4.82 -5.40
N VAL A 404 15.04 -4.47 -4.33
CA VAL A 404 16.24 -5.20 -3.91
C VAL A 404 15.82 -6.39 -3.05
N ARG A 405 16.14 -7.58 -3.53
CA ARG A 405 15.68 -8.82 -2.93
C ARG A 405 16.31 -9.07 -1.57
N ASN A 406 17.61 -8.86 -1.45
CA ASN A 406 18.36 -9.09 -0.22
C ASN A 406 19.25 -7.91 0.13
N PRO A 407 19.36 -7.58 1.44
CA PRO A 407 20.27 -6.50 1.83
C PRO A 407 21.69 -6.95 1.58
N GLY A 408 22.62 -6.02 1.46
CA GLY A 408 24.03 -6.32 1.38
C GLY A 408 24.80 -5.58 0.29
N TYR A 409 25.98 -6.10 -0.01
CA TYR A 409 26.86 -5.48 -1.00
C TYR A 409 26.52 -5.93 -2.42
N TYR A 410 26.48 -4.93 -3.31
CA TYR A 410 26.23 -5.07 -4.74
C TYR A 410 27.31 -4.35 -5.56
N ASN A 411 27.58 -4.91 -6.74
CA ASN A 411 28.35 -4.22 -7.74
C ASN A 411 27.39 -3.44 -8.58
N LEU A 412 27.58 -2.12 -8.63
CA LEU A 412 26.80 -1.22 -9.43
C LEU A 412 27.69 -0.84 -10.59
N SER A 413 27.21 -1.09 -11.82
CA SER A 413 27.98 -0.80 -13.03
C SER A 413 27.21 0.17 -13.92
N LEU A 414 27.92 1.15 -14.47
CA LEU A 414 27.36 2.07 -15.46
C LEU A 414 28.13 1.87 -16.73
N ARG A 415 27.38 1.69 -17.85
CA ARG A 415 27.97 1.58 -19.16
C ARG A 415 27.98 2.98 -19.80
N VAL A 416 29.19 3.53 -19.93
CA VAL A 416 29.36 4.95 -20.24
C VAL A 416 30.36 5.22 -21.36
N ALA A 417 30.20 6.35 -22.01
CA ALA A 417 31.09 6.83 -23.06
C ALA A 417 31.28 8.33 -22.88
N GLY A 418 32.48 8.82 -23.09
CA GLY A 418 32.72 10.26 -22.93
C GLY A 418 34.02 10.73 -23.52
N ILE A 419 33.98 11.90 -24.16
CA ILE A 419 35.21 12.41 -24.80
C ILE A 419 36.20 12.73 -23.71
N SER A 420 35.72 13.46 -22.71
CA SER A 420 36.49 13.82 -21.55
C SER A 420 35.92 13.19 -20.26
N GLY A 421 36.47 13.64 -19.13
CA GLY A 421 36.04 13.15 -17.81
C GLY A 421 34.69 13.70 -17.43
N SER A 422 34.02 12.95 -16.56
CA SER A 422 32.71 13.33 -16.06
C SER A 422 32.51 12.76 -14.67
N ARG A 423 31.38 13.12 -14.08
CA ARG A 423 31.12 12.89 -12.67
C ARG A 423 29.62 12.59 -12.48
N VAL A 424 29.31 11.53 -11.73
CA VAL A 424 27.96 11.18 -11.33
C VAL A 424 27.95 10.88 -9.83
N GLN A 425 26.73 10.82 -9.28
CA GLN A 425 26.53 10.30 -7.95
C GLN A 425 25.21 9.51 -8.02
N VAL A 426 25.13 8.41 -7.31
CA VAL A 426 23.97 7.54 -7.35
C VAL A 426 23.33 7.35 -5.98
N SER A 427 22.04 7.67 -5.92
CA SER A 427 21.23 7.45 -4.73
C SER A 427 20.30 6.26 -4.92
N PHE A 428 19.98 5.64 -3.79
CA PHE A 428 19.03 4.54 -3.69
C PHE A 428 18.13 4.86 -2.51
N GLY A 429 16.83 4.94 -2.79
CA GLY A 429 15.87 5.41 -1.80
C GLY A 429 16.20 6.78 -1.20
N ASN A 430 16.75 7.66 -2.03
CA ASN A 430 17.18 9.00 -1.63
CA ASN A 430 17.19 9.00 -1.60
C ASN A 430 18.34 8.97 -0.60
N GLN A 431 19.12 7.88 -0.58
CA GLN A 431 20.34 7.80 0.22
C GLN A 431 21.52 7.68 -0.73
N ASP A 432 22.54 8.51 -0.53
CA ASP A 432 23.75 8.46 -1.35
C ASP A 432 24.53 7.17 -1.08
N LYS A 433 24.74 6.38 -2.14
CA LYS A 433 25.46 5.12 -2.02
C LYS A 433 26.85 5.14 -2.61
N THR A 434 27.19 6.17 -3.37
CA THR A 434 28.47 6.24 -4.12
C THR A 434 29.40 7.38 -3.75
N GLY A 435 28.86 8.47 -3.21
CA GLY A 435 29.57 9.76 -3.22
C GLY A 435 29.84 10.19 -4.65
N VAL A 436 30.79 11.12 -4.78
CA VAL A 436 31.22 11.57 -6.10
C VAL A 436 31.93 10.41 -6.81
N TRP A 437 31.44 10.09 -8.00
CA TRP A 437 31.99 9.01 -8.80
C TRP A 437 32.56 9.61 -10.10
N GLU A 438 33.89 9.62 -10.16
CA GLU A 438 34.67 10.11 -11.33
C GLU A 438 34.58 9.05 -12.44
N LEU A 439 34.10 9.43 -13.62
CA LEU A 439 33.91 8.47 -14.70
C LEU A 439 34.97 8.59 -15.73
N PRO A 440 35.38 7.45 -16.34
CA PRO A 440 36.56 7.54 -17.18
C PRO A 440 36.28 8.29 -18.50
N ALA A 441 37.20 9.16 -18.93
CA ALA A 441 37.19 9.62 -20.36
C ALA A 441 37.53 8.44 -21.20
N THR A 442 36.70 8.13 -22.19
CA THR A 442 36.94 7.03 -23.11
C THR A 442 37.42 7.50 -24.48
N GLY A 443 37.42 8.81 -24.72
CA GLY A 443 37.85 9.37 -25.97
C GLY A 443 36.81 9.46 -27.04
N GLY A 444 35.59 9.01 -26.77
CA GLY A 444 34.49 9.25 -27.73
C GLY A 444 33.13 8.94 -27.15
N PHE A 445 32.11 9.56 -27.72
CA PHE A 445 30.73 9.40 -27.22
C PHE A 445 30.04 8.08 -27.62
N GLN A 446 30.66 7.31 -28.52
CA GLN A 446 30.28 5.91 -28.73
C GLN A 446 31.49 4.99 -28.56
N THR A 447 32.41 5.37 -27.66
CA THR A 447 33.51 4.53 -27.21
C THR A 447 33.21 4.18 -25.76
N TRP A 448 32.80 2.93 -25.55
CA TRP A 448 32.10 2.50 -24.34
C TRP A 448 33.00 1.77 -23.37
N THR A 449 32.76 1.99 -22.08
CA THR A 449 33.45 1.30 -21.00
C THR A 449 32.47 1.04 -19.87
N THR A 450 32.78 0.07 -19.01
CA THR A 450 31.94 -0.22 -17.89
C THR A 450 32.62 0.21 -16.61
N ALA A 451 32.00 1.12 -15.91
CA ALA A 451 32.55 1.62 -14.63
C ALA A 451 31.79 0.94 -13.52
N THR A 452 32.49 0.49 -12.47
CA THR A 452 31.87 -0.31 -11.43
C THR A 452 32.28 0.22 -10.05
N ARG A 453 31.32 0.32 -9.12
CA ARG A 453 31.58 0.68 -7.74
C ARG A 453 30.74 -0.27 -6.85
N GLN A 454 31.29 -0.63 -5.69
CA GLN A 454 30.59 -1.45 -4.74
CA GLN A 454 30.57 -1.45 -4.73
C GLN A 454 29.69 -0.55 -3.87
N VAL A 455 28.43 -0.95 -3.68
CA VAL A 455 27.49 -0.21 -2.88
C VAL A 455 26.88 -1.13 -1.87
N PHE A 456 26.40 -0.56 -0.76
CA PHE A 456 25.71 -1.37 0.27
C PHE A 456 24.22 -0.97 0.30
N LEU A 457 23.34 -1.92 -0.04
CA LEU A 457 21.92 -1.68 -0.20
C LEU A 457 21.07 -2.32 0.87
N GLY A 458 20.01 -1.63 1.26
CA GLY A 458 18.96 -2.24 2.02
C GLY A 458 17.98 -2.95 1.06
N ALA A 459 17.24 -3.92 1.59
CA ALA A 459 16.23 -4.63 0.81
C ALA A 459 15.01 -3.77 0.59
N GLY A 460 14.27 -4.06 -0.45
CA GLY A 460 12.97 -3.45 -0.63
C GLY A 460 12.84 -2.60 -1.87
N LEU A 461 11.62 -2.20 -2.10
CA LEU A 461 11.29 -1.24 -3.15
C LEU A 461 12.02 0.08 -2.92
N GLN A 462 12.71 0.56 -3.92
CA GLN A 462 13.51 1.78 -3.79
C GLN A 462 13.83 2.36 -5.17
N LYS A 463 13.92 3.69 -5.26
CA LYS A 463 14.33 4.34 -6.49
C LYS A 463 15.82 4.44 -6.57
N LEU A 464 16.35 4.00 -7.71
CA LEU A 464 17.72 4.25 -8.09
C LEU A 464 17.75 5.57 -8.87
N ARG A 465 18.47 6.55 -8.35
CA ARG A 465 18.58 7.85 -9.00
C ARG A 465 20.01 8.12 -9.42
N ILE A 466 20.21 8.32 -10.72
CA ILE A 466 21.49 8.75 -11.25
C ILE A 466 21.49 10.26 -11.32
N ASN A 467 22.42 10.90 -10.59
CA ASN A 467 22.63 12.35 -10.64
C ASN A 467 23.88 12.67 -11.45
N ALA A 468 23.69 13.42 -12.53
CA ALA A 468 24.79 13.94 -13.33
C ALA A 468 25.42 15.16 -12.64
N LEU A 469 26.63 14.99 -12.15
CA LEU A 469 27.34 16.09 -11.54
C LEU A 469 28.10 16.94 -12.57
N SER A 470 28.24 16.43 -13.78
CA SER A 470 28.73 17.16 -14.93
C SER A 470 27.99 16.64 -16.13
N GLY A 471 28.18 17.28 -17.27
CA GLY A 471 27.87 16.71 -18.56
C GLY A 471 29.04 15.93 -19.12
N GLY A 472 28.99 15.68 -20.42
CA GLY A 472 30.16 15.08 -21.12
C GLY A 472 30.24 13.56 -21.16
N PHE A 473 29.15 12.89 -20.83
CA PHE A 473 29.07 11.43 -20.93
C PHE A 473 27.72 10.99 -21.46
N ASN A 474 27.71 9.83 -22.10
CA ASN A 474 26.52 9.11 -22.47
C ASN A 474 26.38 7.91 -21.54
N LEU A 475 25.12 7.48 -21.37
CA LEU A 475 24.79 6.30 -20.55
C LEU A 475 23.95 5.30 -21.32
N ASN A 476 24.44 4.07 -21.42
CA ASN A 476 23.74 3.01 -22.17
C ASN A 476 22.82 2.20 -21.21
N TRP A 477 23.38 1.78 -20.08
CA TRP A 477 22.67 0.90 -19.18
C TRP A 477 23.35 0.91 -17.82
N ILE A 478 22.63 0.33 -16.86
CA ILE A 478 23.03 0.18 -15.46
C ILE A 478 22.96 -1.34 -15.20
N GLU A 479 23.91 -1.90 -14.42
CA GLU A 479 23.81 -3.28 -13.94
C GLU A 479 24.03 -3.28 -12.45
N LEU A 480 23.31 -4.20 -11.80
CA LEU A 480 23.38 -4.36 -10.37
C LEU A 480 23.37 -5.88 -10.06
N SER A 481 24.36 -6.34 -9.30
CA SER A 481 24.36 -7.75 -8.93
C SER A 481 25.00 -7.93 -7.56
N PRO A 482 24.51 -8.89 -6.78
CA PRO A 482 25.17 -9.12 -5.47
C PRO A 482 26.62 -9.50 -5.63
N ILE A 483 27.43 -9.12 -4.65
CA ILE A 483 28.84 -9.50 -4.62
C ILE A 483 29.10 -10.99 -4.40
#